data_1WAT
#
_entry.id   1WAT
#
_cell.length_a   132.670
_cell.length_b   132.670
_cell.length_c   55.970
_cell.angle_alpha   90.00
_cell.angle_beta   90.00
_cell.angle_gamma   120.00
#
_symmetry.space_group_name_H-M   'P 61'
#
loop_
_entity.id
_entity.type
_entity.pdbx_description
1 polymer 'ASPARTATE RECEPTOR'
2 non-polymer 'ASPARTIC ACID'
#
_entity_poly.entity_id   1
_entity_poly.type   'polypeptide(L)'
_entity_poly.pdbx_seq_one_letter_code
;MNQQGFVISNELRQQQSELTSTWDLMLQTRINLSRSAARMMMDASNQQSSAKTDLLQNAKTTLAQAAAHYANFKNMTPLP
AMAEASANVDEKYQRYQAALAELIQFLDNGNMDAYFAQPTQGMQNALGEALGNYARVSENLYRQTF
;
_entity_poly.pdbx_strand_id   A,B
#
# COMPACT_ATOMS: atom_id res chain seq x y z
N GLY A 5 15.97 -20.63 -6.69
CA GLY A 5 16.70 -20.79 -7.94
C GLY A 5 18.03 -21.30 -7.34
N PHE A 6 18.74 -20.25 -6.91
CA PHE A 6 19.81 -20.37 -5.93
C PHE A 6 18.96 -20.55 -4.64
N VAL A 7 19.72 -20.72 -3.52
CA VAL A 7 19.05 -21.07 -2.26
C VAL A 7 18.16 -19.88 -1.82
N ILE A 8 17.89 -19.88 -0.52
CA ILE A 8 17.04 -18.85 0.17
C ILE A 8 17.52 -17.47 -0.36
N SER A 9 16.56 -16.61 -0.06
CA SER A 9 16.71 -15.14 -0.38
C SER A 9 16.58 -14.98 -1.89
N ASN A 10 17.19 -15.90 -2.76
CA ASN A 10 16.91 -15.95 -4.19
C ASN A 10 15.52 -16.48 -4.24
N GLU A 11 15.29 -17.61 -3.50
CA GLU A 11 13.95 -17.96 -3.26
C GLU A 11 13.61 -17.60 -1.81
N LEU A 12 13.08 -16.35 -1.73
CA LEU A 12 12.61 -15.52 -0.58
C LEU A 12 12.25 -14.02 -0.84
N ARG A 13 13.00 -13.61 -1.88
CA ARG A 13 12.68 -12.21 -2.44
C ARG A 13 11.47 -12.67 -3.28
N GLN A 14 11.65 -13.55 -4.24
CA GLN A 14 10.53 -14.18 -4.98
C GLN A 14 10.13 -15.20 -3.92
N GLN A 15 9.17 -14.89 -3.14
CA GLN A 15 8.56 -15.60 -2.02
C GLN A 15 8.26 -14.43 -1.11
N GLN A 16 8.86 -14.07 0.06
CA GLN A 16 8.31 -12.94 0.96
C GLN A 16 8.51 -11.57 0.37
N SER A 17 9.50 -11.16 -0.38
CA SER A 17 9.34 -9.81 -0.92
C SER A 17 8.46 -9.82 -2.17
N GLU A 18 8.04 -10.96 -2.58
CA GLU A 18 6.94 -11.19 -3.59
C GLU A 18 5.62 -11.26 -2.75
N LEU A 19 5.72 -11.62 -1.48
CA LEU A 19 4.62 -11.53 -0.58
C LEU A 19 4.39 -10.01 -0.50
N THR A 20 5.39 -9.12 -0.47
CA THR A 20 5.13 -7.68 -0.54
C THR A 20 4.27 -7.34 -1.76
N SER A 21 4.13 -8.11 -2.78
CA SER A 21 3.24 -7.90 -3.89
C SER A 21 1.76 -7.90 -3.33
N THR A 22 1.32 -9.05 -2.82
CA THR A 22 -0.06 -9.04 -2.39
C THR A 22 -0.52 -7.82 -1.50
N TRP A 23 0.27 -7.49 -0.51
CA TRP A 23 -0.12 -6.42 0.42
C TRP A 23 -0.35 -5.13 -0.36
N ASP A 24 0.40 -4.72 -1.39
CA ASP A 24 0.08 -3.42 -2.05
C ASP A 24 -1.27 -3.46 -2.89
N LEU A 25 -1.56 -4.60 -3.62
CA LEU A 25 -2.73 -4.73 -4.38
C LEU A 25 -3.91 -4.85 -3.55
N MET A 26 -3.86 -5.53 -2.36
CA MET A 26 -5.05 -5.54 -1.44
C MET A 26 -5.32 -4.20 -0.95
N LEU A 27 -4.25 -3.39 -0.52
CA LEU A 27 -4.46 -1.93 -0.08
C LEU A 27 -4.94 -0.99 -1.17
N GLN A 28 -4.55 -1.30 -2.38
CA GLN A 28 -4.90 -0.62 -3.68
C GLN A 28 -6.46 -0.82 -3.87
N THR A 29 -6.93 -2.02 -3.82
CA THR A 29 -8.30 -2.31 -3.92
C THR A 29 -9.07 -1.50 -2.84
N ARG A 30 -8.44 -1.16 -1.61
CA ARG A 30 -9.08 -0.39 -0.59
C ARG A 30 -9.23 1.07 -1.03
N ILE A 31 -8.22 1.57 -1.64
CA ILE A 31 -8.26 3.01 -2.15
C ILE A 31 -9.29 3.14 -3.29
N ASN A 32 -9.28 2.07 -4.21
CA ASN A 32 -10.12 2.02 -5.37
C ASN A 32 -11.48 1.90 -4.98
N LEU A 33 -11.92 1.02 -3.93
CA LEU A 33 -13.26 1.00 -3.39
C LEU A 33 -13.75 2.39 -2.76
N SER A 34 -12.98 3.00 -1.93
CA SER A 34 -13.47 4.30 -1.40
C SER A 34 -13.23 5.46 -2.39
N ARG A 35 -12.74 5.26 -3.62
CA ARG A 35 -12.86 6.31 -4.65
C ARG A 35 -14.27 5.99 -5.22
N SER A 36 -14.59 4.68 -5.53
CA SER A 36 -15.93 4.21 -6.05
C SER A 36 -17.17 4.60 -5.23
N ALA A 37 -17.11 4.37 -3.97
CA ALA A 37 -18.24 4.58 -3.01
C ALA A 37 -18.57 6.13 -2.87
N ALA A 38 -17.51 7.03 -2.99
CA ALA A 38 -17.70 8.53 -2.82
C ALA A 38 -18.49 9.09 -4.01
N ARG A 39 -18.29 8.34 -5.12
CA ARG A 39 -18.92 8.73 -6.38
C ARG A 39 -20.36 8.08 -6.31
N MET A 40 -20.51 7.06 -5.64
CA MET A 40 -21.83 6.48 -5.55
C MET A 40 -22.78 7.40 -4.85
N MET A 41 -22.15 8.41 -4.01
CA MET A 41 -22.98 9.41 -3.27
C MET A 41 -23.35 10.64 -4.13
N MET A 42 -22.79 10.65 -5.33
CA MET A 42 -22.91 11.70 -6.37
C MET A 42 -24.08 11.36 -7.31
N ASP A 43 -24.24 10.09 -7.49
CA ASP A 43 -25.34 9.36 -8.29
C ASP A 43 -26.78 9.96 -8.48
N ALA A 44 -27.27 10.68 -7.42
CA ALA A 44 -28.46 11.43 -7.49
C ALA A 44 -28.61 12.50 -8.57
N SER A 45 -27.36 12.79 -9.11
CA SER A 45 -27.08 13.73 -10.20
C SER A 45 -25.79 13.31 -10.91
N ASN A 46 -25.64 13.70 -12.17
CA ASN A 46 -24.37 13.40 -12.84
C ASN A 46 -23.66 14.81 -13.09
N GLN A 47 -22.35 14.71 -12.80
CA GLN A 47 -21.19 15.60 -13.03
C GLN A 47 -20.02 14.67 -12.54
N GLN A 48 -19.26 13.82 -13.33
CA GLN A 48 -18.13 12.90 -12.89
C GLN A 48 -18.53 11.68 -12.02
N SER A 49 -19.76 11.62 -11.55
CA SER A 49 -20.35 10.36 -10.87
C SER A 49 -20.06 9.05 -11.62
N SER A 50 -19.98 9.23 -12.91
CA SER A 50 -19.66 8.31 -13.88
C SER A 50 -18.46 7.40 -13.60
N ALA A 51 -17.26 7.91 -13.07
CA ALA A 51 -16.08 6.91 -12.93
C ALA A 51 -16.30 5.61 -11.99
N LYS A 52 -17.29 5.67 -11.15
CA LYS A 52 -17.65 4.79 -10.21
C LYS A 52 -17.58 3.26 -10.73
N THR A 53 -18.25 3.16 -11.85
CA THR A 53 -18.42 1.84 -12.43
C THR A 53 -17.08 1.19 -12.54
N ASP A 54 -16.23 2.01 -13.29
CA ASP A 54 -14.98 1.58 -13.80
C ASP A 54 -14.01 1.22 -12.65
N LEU A 55 -13.94 2.13 -11.67
CA LEU A 55 -13.22 1.84 -10.44
C LEU A 55 -13.70 0.67 -9.72
N LEU A 56 -15.09 0.24 -9.67
CA LEU A 56 -15.43 -0.98 -8.97
C LEU A 56 -14.98 -2.24 -9.59
N GLN A 57 -15.00 -2.27 -10.96
CA GLN A 57 -14.64 -3.48 -11.78
C GLN A 57 -13.13 -3.49 -11.57
N ASN A 58 -12.47 -2.47 -11.65
CA ASN A 58 -11.03 -2.44 -11.58
C ASN A 58 -10.57 -2.46 -10.12
N ALA A 59 -11.49 -2.44 -9.13
CA ALA A 59 -11.20 -2.76 -7.69
C ALA A 59 -11.19 -4.23 -7.64
N LYS A 60 -12.15 -4.91 -8.34
CA LYS A 60 -12.27 -6.35 -8.28
C LYS A 60 -10.96 -7.04 -8.83
N THR A 61 -10.39 -6.46 -9.84
CA THR A 61 -9.15 -7.00 -10.45
C THR A 61 -7.95 -6.78 -9.55
N THR A 62 -7.76 -5.74 -8.80
CA THR A 62 -6.63 -5.74 -7.93
C THR A 62 -6.76 -6.73 -6.81
N LEU A 63 -8.01 -7.03 -6.28
CA LEU A 63 -8.06 -8.01 -5.33
C LEU A 63 -7.82 -9.45 -5.96
N ALA A 64 -8.04 -9.65 -7.34
CA ALA A 64 -7.69 -10.75 -8.06
C ALA A 64 -6.20 -11.08 -8.20
N GLN A 65 -5.58 -9.99 -8.63
CA GLN A 65 -4.12 -9.93 -8.82
C GLN A 65 -3.38 -10.25 -7.54
N ALA A 66 -3.90 -9.76 -6.47
CA ALA A 66 -3.40 -10.00 -5.10
C ALA A 66 -3.49 -11.57 -5.04
N ALA A 67 -4.66 -12.15 -5.21
CA ALA A 67 -4.90 -13.55 -5.08
C ALA A 67 -3.95 -14.48 -5.78
N ALA A 68 -3.78 -14.21 -7.08
CA ALA A 68 -2.83 -14.86 -7.90
C ALA A 68 -1.42 -14.65 -7.43
N HIS A 69 -1.06 -13.37 -7.02
CA HIS A 69 0.35 -13.15 -6.55
C HIS A 69 0.50 -14.01 -5.27
N TYR A 70 -0.44 -14.08 -4.44
CA TYR A 70 -0.44 -14.89 -3.19
C TYR A 70 -0.22 -16.37 -3.56
N ALA A 71 -0.93 -16.70 -4.68
CA ALA A 71 -0.89 -18.10 -5.14
C ALA A 71 0.55 -18.50 -5.47
N ASN A 72 1.49 -17.63 -5.93
CA ASN A 72 2.89 -18.05 -6.05
C ASN A 72 3.47 -18.21 -4.70
N PHE A 73 3.40 -17.24 -3.71
CA PHE A 73 4.01 -17.41 -2.31
C PHE A 73 3.53 -18.80 -1.80
N LYS A 74 2.22 -19.33 -1.96
CA LYS A 74 1.76 -20.59 -1.59
C LYS A 74 2.56 -21.57 -2.37
N ASN A 75 2.41 -21.55 -3.73
CA ASN A 75 3.08 -22.45 -4.80
C ASN A 75 4.58 -22.06 -4.91
N MET A 76 5.30 -22.09 -3.78
CA MET A 76 6.63 -21.57 -3.58
C MET A 76 7.04 -21.91 -2.19
N THR A 77 6.00 -22.09 -1.34
CA THR A 77 6.31 -22.63 -0.04
C THR A 77 6.02 -24.06 -0.40
N PRO A 78 7.09 -24.85 -0.68
CA PRO A 78 7.56 -25.97 0.18
C PRO A 78 8.77 -25.51 1.01
N LEU A 79 8.43 -24.99 2.26
CA LEU A 79 9.37 -24.45 3.13
C LEU A 79 9.17 -24.86 4.58
N PRO A 80 8.11 -24.38 5.27
CA PRO A 80 8.06 -24.10 6.68
C PRO A 80 9.21 -23.75 7.59
N ALA A 81 9.76 -24.67 8.52
CA ALA A 81 10.79 -24.19 9.58
C ALA A 81 10.18 -23.17 10.54
N MET A 82 9.83 -21.91 10.13
CA MET A 82 9.07 -21.06 10.91
C MET A 82 7.64 -21.39 11.27
N ALA A 83 7.21 -22.33 10.34
CA ALA A 83 5.98 -23.18 10.43
C ALA A 83 4.66 -22.48 11.00
N GLU A 84 3.98 -23.04 12.07
CA GLU A 84 2.69 -22.57 12.47
C GLU A 84 2.70 -21.20 13.03
N ALA A 85 3.85 -20.76 13.38
CA ALA A 85 4.08 -19.34 13.90
C ALA A 85 3.57 -18.39 12.77
N SER A 86 4.17 -18.52 11.57
CA SER A 86 3.85 -17.75 10.42
C SER A 86 2.73 -18.49 9.58
N ALA A 87 2.11 -19.46 10.10
CA ALA A 87 0.93 -20.10 9.52
C ALA A 87 -0.22 -19.16 9.74
N ASN A 88 -0.17 -18.37 10.87
CA ASN A 88 -1.08 -17.28 11.16
C ASN A 88 -0.98 -16.28 9.99
N VAL A 89 0.13 -15.94 9.48
CA VAL A 89 0.36 -14.98 8.29
C VAL A 89 -0.46 -15.50 7.05
N ASP A 90 -0.46 -16.81 6.90
CA ASP A 90 -1.20 -17.40 5.84
C ASP A 90 -2.77 -17.42 6.11
N GLU A 91 -3.25 -17.70 7.30
CA GLU A 91 -4.58 -17.58 7.63
C GLU A 91 -5.28 -16.27 7.67
N LYS A 92 -4.49 -15.26 8.23
CA LYS A 92 -5.18 -13.96 8.29
C LYS A 92 -5.17 -13.37 6.84
N TYR A 93 -4.35 -13.85 5.88
CA TYR A 93 -4.41 -13.37 4.50
C TYR A 93 -5.87 -13.45 4.04
N GLN A 94 -6.26 -14.69 4.24
CA GLN A 94 -7.67 -15.17 3.88
C GLN A 94 -8.73 -14.32 4.55
N ARG A 95 -8.61 -13.95 5.84
CA ARG A 95 -9.49 -13.19 6.59
C ARG A 95 -9.72 -11.79 5.91
N TYR A 96 -8.59 -11.00 5.52
CA TYR A 96 -8.75 -9.74 4.89
C TYR A 96 -9.27 -9.85 3.49
N GLN A 97 -8.79 -10.87 2.81
CA GLN A 97 -9.24 -11.13 1.45
C GLN A 97 -10.74 -11.12 1.30
N ALA A 98 -11.28 -11.83 2.26
CA ALA A 98 -12.67 -12.04 2.50
C ALA A 98 -13.38 -10.76 2.80
N ALA A 99 -12.78 -9.88 3.75
CA ALA A 99 -13.37 -8.53 4.09
C ALA A 99 -13.62 -7.65 2.92
N LEU A 100 -12.54 -7.52 2.17
CA LEU A 100 -12.41 -6.64 0.95
C LEU A 100 -13.45 -7.12 -0.12
N ALA A 101 -13.56 -8.41 -0.21
CA ALA A 101 -14.47 -9.08 -1.13
C ALA A 101 -15.95 -8.91 -0.79
N GLU A 102 -16.24 -8.88 0.47
CA GLU A 102 -17.60 -8.53 0.94
C GLU A 102 -17.82 -7.08 0.67
N LEU A 103 -16.75 -6.23 0.85
CA LEU A 103 -16.83 -4.82 0.55
C LEU A 103 -17.10 -4.62 -0.94
N ILE A 104 -16.62 -5.50 -1.79
CA ILE A 104 -17.06 -5.39 -3.16
C ILE A 104 -18.50 -5.77 -3.20
N GLN A 105 -18.99 -6.90 -2.79
CA GLN A 105 -20.46 -7.28 -2.89
C GLN A 105 -21.30 -6.12 -2.36
N PHE A 106 -21.19 -5.74 -1.12
CA PHE A 106 -21.87 -4.64 -0.56
C PHE A 106 -21.98 -3.48 -1.46
N LEU A 107 -20.82 -2.92 -1.99
CA LEU A 107 -20.87 -1.80 -2.77
C LEU A 107 -21.59 -1.99 -4.10
N ASP A 108 -21.17 -3.12 -4.67
CA ASP A 108 -21.70 -3.74 -5.90
C ASP A 108 -23.18 -3.89 -5.85
N ASN A 109 -23.65 -4.16 -4.66
CA ASN A 109 -25.02 -4.39 -4.37
C ASN A 109 -25.82 -3.11 -3.95
N GLY A 110 -25.26 -2.17 -3.35
CA GLY A 110 -26.01 -1.01 -2.94
C GLY A 110 -26.02 -0.76 -1.43
N ASN A 111 -25.42 -1.78 -0.80
CA ASN A 111 -25.29 -1.67 0.60
C ASN A 111 -24.14 -0.86 0.92
N MET A 112 -24.47 0.41 1.22
CA MET A 112 -23.42 1.35 1.71
C MET A 112 -23.27 1.18 3.27
N ASP A 113 -24.18 1.08 4.16
CA ASP A 113 -24.03 1.17 5.60
C ASP A 113 -23.16 0.09 6.20
N ALA A 114 -23.16 -1.15 5.48
CA ALA A 114 -22.25 -2.12 5.95
C ALA A 114 -20.91 -1.83 5.31
N TYR A 115 -20.93 -1.28 4.12
CA TYR A 115 -19.64 -0.86 3.47
C TYR A 115 -18.90 -0.01 4.42
N PHE A 116 -19.49 1.08 4.86
CA PHE A 116 -18.93 1.98 5.76
C PHE A 116 -18.68 1.43 7.22
N ALA A 117 -19.46 0.61 7.81
CA ALA A 117 -19.26 0.09 9.17
C ALA A 117 -18.61 -1.24 9.35
N GLN A 118 -18.31 -1.88 8.20
CA GLN A 118 -17.58 -3.22 8.26
C GLN A 118 -16.15 -2.86 8.57
N PRO A 119 -15.53 -3.47 9.63
CA PRO A 119 -14.32 -2.85 10.25
C PRO A 119 -12.94 -3.18 9.52
N THR A 120 -12.77 -2.90 8.22
CA THR A 120 -11.76 -3.35 7.44
C THR A 120 -10.33 -3.15 7.96
N GLN A 121 -10.15 -2.09 8.66
CA GLN A 121 -8.82 -1.62 9.17
C GLN A 121 -8.33 -2.76 10.06
N GLY A 122 -9.19 -3.57 10.77
CA GLY A 122 -8.75 -4.58 11.66
C GLY A 122 -8.22 -5.86 10.92
N MET A 123 -8.98 -6.32 9.92
CA MET A 123 -8.46 -7.57 9.14
C MET A 123 -7.04 -7.18 8.48
N GLN A 124 -6.99 -5.92 8.07
CA GLN A 124 -5.80 -5.23 7.43
C GLN A 124 -4.62 -5.26 8.39
N ASN A 125 -4.92 -4.61 9.52
CA ASN A 125 -4.02 -4.45 10.62
C ASN A 125 -3.41 -5.80 10.99
N ALA A 126 -4.29 -6.78 11.20
CA ALA A 126 -3.82 -8.19 11.50
C ALA A 126 -2.80 -8.59 10.46
N LEU A 127 -3.01 -8.32 9.15
CA LEU A 127 -2.07 -8.83 8.13
C LEU A 127 -0.82 -8.00 8.09
N GLY A 128 -0.93 -6.81 8.52
CA GLY A 128 0.28 -6.00 8.67
C GLY A 128 1.18 -6.68 9.70
N GLU A 129 0.55 -6.91 10.86
CA GLU A 129 1.11 -7.62 11.98
C GLU A 129 1.71 -8.98 11.65
N ALA A 130 0.95 -9.70 10.76
CA ALA A 130 1.27 -11.07 10.36
C ALA A 130 2.48 -11.19 9.39
N LEU A 131 2.54 -10.31 8.33
CA LEU A 131 3.66 -10.41 7.48
C LEU A 131 4.78 -9.78 8.22
N GLY A 132 4.47 -8.72 9.03
CA GLY A 132 5.36 -8.03 9.91
C GLY A 132 5.97 -8.89 11.03
N ASN A 133 5.41 -10.08 11.20
CA ASN A 133 5.98 -11.02 12.17
C ASN A 133 7.06 -11.72 11.35
N TYR A 134 6.64 -12.25 10.15
CA TYR A 134 7.38 -13.20 9.22
C TYR A 134 8.77 -12.62 8.96
N ALA A 135 8.77 -11.43 8.36
CA ALA A 135 10.11 -10.83 8.01
C ALA A 135 11.06 -10.70 9.20
N ARG A 136 10.56 -10.49 10.42
CA ARG A 136 11.39 -10.44 11.58
C ARG A 136 12.05 -11.77 11.75
N VAL A 137 11.14 -12.83 11.80
CA VAL A 137 11.54 -14.10 12.05
C VAL A 137 11.97 -14.89 10.81
N SER A 138 12.24 -14.20 9.79
CA SER A 138 13.01 -14.65 8.73
C SER A 138 14.44 -13.93 9.02
N GLU A 139 14.44 -12.58 8.92
CA GLU A 139 15.61 -11.74 8.99
C GLU A 139 16.56 -11.98 10.19
N ASN A 140 16.20 -11.81 11.40
CA ASN A 140 17.19 -11.93 12.49
C ASN A 140 17.55 -13.42 12.75
N LEU A 141 16.72 -14.28 12.18
CA LEU A 141 16.77 -15.68 12.43
C LEU A 141 17.61 -16.53 11.49
N TYR A 142 17.43 -16.40 10.19
CA TYR A 142 18.21 -17.37 9.35
C TYR A 142 19.46 -16.60 8.91
N ARG A 143 20.17 -16.63 10.03
CA ARG A 143 21.34 -15.95 10.30
C ARG A 143 21.71 -16.62 11.61
N GLN A 144 20.93 -16.54 12.67
CA GLN A 144 21.24 -17.09 13.97
C GLN A 144 21.18 -18.68 14.09
N THR A 145 20.43 -19.03 13.18
CA THR A 145 20.16 -20.47 12.86
C THR A 145 20.04 -20.44 11.30
N PHE A 146 20.05 -21.67 10.58
CA PHE A 146 19.85 -21.63 9.14
C PHE A 146 18.97 -22.76 8.85
N GLN B 4 34.54 -3.25 2.90
CA GLN B 4 34.81 -4.74 3.27
C GLN B 4 33.60 -5.46 2.55
N GLY B 5 33.16 -6.73 2.96
CA GLY B 5 31.96 -7.24 2.43
C GLY B 5 30.65 -6.69 3.18
N PHE B 6 30.25 -7.34 4.23
CA PHE B 6 29.06 -7.08 5.04
C PHE B 6 28.40 -5.66 4.97
N VAL B 7 29.13 -4.61 5.40
CA VAL B 7 28.86 -3.18 5.33
C VAL B 7 27.73 -2.91 4.35
N ILE B 8 28.00 -3.28 3.06
CA ILE B 8 27.08 -2.95 2.00
C ILE B 8 25.80 -3.76 2.00
N SER B 9 25.87 -5.02 2.08
CA SER B 9 24.60 -5.84 2.08
C SER B 9 23.58 -5.32 3.21
N ASN B 10 24.13 -4.56 4.28
CA ASN B 10 23.28 -4.23 5.40
C ASN B 10 22.79 -2.69 5.16
N GLU B 11 23.49 -1.83 4.42
CA GLU B 11 22.91 -0.49 4.09
C GLU B 11 21.65 -0.82 3.26
N LEU B 12 21.74 -1.54 2.20
CA LEU B 12 20.64 -2.02 1.30
C LEU B 12 19.48 -2.53 2.19
N ARG B 13 19.51 -3.31 3.23
CA ARG B 13 18.29 -3.52 3.90
C ARG B 13 17.74 -2.49 4.70
N GLN B 14 18.46 -1.59 5.33
CA GLN B 14 17.92 -0.43 5.97
C GLN B 14 17.32 0.53 4.95
N GLN B 15 18.09 0.82 3.87
CA GLN B 15 17.62 1.62 2.73
C GLN B 15 16.39 1.02 2.06
N GLN B 16 16.26 -0.25 1.92
CA GLN B 16 15.03 -0.85 1.25
C GLN B 16 14.03 -0.82 2.34
N SER B 17 14.29 -0.86 3.63
CA SER B 17 13.22 -0.80 4.58
C SER B 17 12.69 0.56 4.75
N GLU B 18 13.58 1.63 4.64
CA GLU B 18 13.13 3.09 4.80
C GLU B 18 12.30 3.41 3.63
N LEU B 19 12.75 2.97 2.42
CA LEU B 19 11.88 3.06 1.26
C LEU B 19 10.60 2.25 1.25
N THR B 20 10.58 1.07 1.81
CA THR B 20 9.34 0.33 2.01
C THR B 20 8.43 1.09 2.96
N SER B 21 8.93 1.61 4.05
CA SER B 21 8.04 2.25 4.95
C SER B 21 7.54 3.45 4.42
N THR B 22 8.22 4.23 3.53
CA THR B 22 7.69 5.46 2.95
C THR B 22 6.51 5.24 2.05
N TRP B 23 6.73 4.22 1.09
CA TRP B 23 5.73 3.84 0.17
C TRP B 23 4.47 3.39 0.86
N ASP B 24 4.55 2.26 1.71
CA ASP B 24 3.44 1.76 2.44
C ASP B 24 2.62 2.88 3.26
N LEU B 25 3.34 3.77 3.90
CA LEU B 25 2.77 4.79 4.69
C LEU B 25 2.18 5.96 3.87
N MET B 26 2.69 6.11 2.68
CA MET B 26 2.11 7.15 1.80
C MET B 26 0.89 6.67 1.22
N LEU B 27 0.78 5.27 1.03
CA LEU B 27 -0.42 4.49 0.61
C LEU B 27 -1.44 4.63 1.75
N GLN B 28 -1.11 4.34 2.99
CA GLN B 28 -2.02 4.56 4.17
C GLN B 28 -2.56 5.97 4.04
N THR B 29 -1.84 6.99 3.81
CA THR B 29 -2.38 8.30 3.57
C THR B 29 -3.46 8.32 2.50
N ARG B 30 -3.23 7.82 1.32
CA ARG B 30 -4.25 7.69 0.29
C ARG B 30 -5.56 7.28 0.89
N ILE B 31 -5.62 6.09 1.65
CA ILE B 31 -6.77 5.52 2.18
C ILE B 31 -7.48 6.29 3.36
N ASN B 32 -6.74 7.02 4.21
CA ASN B 32 -7.50 7.72 5.19
C ASN B 32 -8.05 8.96 4.56
N LEU B 33 -7.35 9.51 3.53
CA LEU B 33 -7.81 10.75 2.79
C LEU B 33 -9.10 10.29 2.06
N SER B 34 -9.10 9.33 1.24
CA SER B 34 -10.33 8.72 0.56
C SER B 34 -11.45 8.56 1.52
N ARG B 35 -11.07 8.01 2.67
CA ARG B 35 -12.14 7.83 3.73
C ARG B 35 -12.73 9.03 4.27
N SER B 36 -11.99 10.14 4.18
CA SER B 36 -12.57 11.49 4.51
C SER B 36 -13.41 11.82 3.34
N ALA B 37 -12.90 11.96 2.15
CA ALA B 37 -13.63 12.38 0.97
C ALA B 37 -14.94 11.85 0.81
N ALA B 38 -14.90 10.46 1.00
CA ALA B 38 -16.02 9.48 0.93
C ALA B 38 -17.14 9.80 1.98
N ARG B 39 -16.63 10.06 3.18
CA ARG B 39 -17.52 10.54 4.29
C ARG B 39 -17.69 12.06 4.20
N MET B 40 -17.41 12.63 3.13
CA MET B 40 -17.68 14.08 3.01
C MET B 40 -18.79 14.21 1.99
N MET B 41 -18.86 13.30 1.01
CA MET B 41 -19.96 13.17 0.10
C MET B 41 -20.97 12.40 0.82
N MET B 42 -22.04 12.92 1.19
CA MET B 42 -23.04 12.16 1.91
C MET B 42 -24.36 12.67 1.31
N ASP B 43 -25.17 11.68 0.70
CA ASP B 43 -26.47 12.07 0.04
C ASP B 43 -26.44 13.28 -0.77
N ALA B 44 -25.57 13.40 -1.75
CA ALA B 44 -25.14 14.61 -2.57
C ALA B 44 -24.68 15.64 -1.50
N SER B 45 -25.65 16.31 -0.74
CA SER B 45 -25.22 17.10 0.40
C SER B 45 -26.19 16.63 1.46
N ASN B 46 -25.70 15.96 2.44
CA ASN B 46 -26.52 15.54 3.62
C ASN B 46 -26.49 16.87 4.49
N GLN B 47 -27.18 16.78 5.65
CA GLN B 47 -27.16 18.00 6.42
C GLN B 47 -25.82 17.94 7.15
N GLN B 48 -25.67 17.14 8.13
CA GLN B 48 -24.46 17.13 8.88
C GLN B 48 -23.96 15.80 9.33
N SER B 49 -22.70 16.00 9.39
CA SER B 49 -21.61 15.01 9.65
C SER B 49 -21.58 14.22 8.41
N SER B 50 -22.00 12.88 8.46
CA SER B 50 -21.77 11.87 7.50
C SER B 50 -21.37 10.73 8.51
N ALA B 51 -20.34 11.26 9.26
CA ALA B 51 -19.67 10.62 10.41
C ALA B 51 -18.68 11.70 10.90
N LYS B 52 -17.71 11.38 11.76
CA LYS B 52 -16.72 12.35 12.14
C LYS B 52 -15.39 11.90 11.53
N THR B 53 -14.84 13.04 10.96
CA THR B 53 -13.63 12.78 10.19
C THR B 53 -12.44 13.51 10.87
N ASP B 54 -11.94 12.61 11.70
CA ASP B 54 -10.63 12.59 12.34
C ASP B 54 -9.72 12.11 11.27
N LEU B 55 -10.11 11.13 10.44
CA LEU B 55 -9.39 10.47 9.36
C LEU B 55 -8.46 11.28 8.50
N LEU B 56 -8.84 12.63 8.39
CA LEU B 56 -8.06 13.72 7.69
C LEU B 56 -6.78 14.03 8.57
N GLN B 57 -7.02 14.02 9.92
CA GLN B 57 -5.92 14.14 10.84
C GLN B 57 -5.11 12.91 10.83
N ASN B 58 -5.74 11.80 10.60
CA ASN B 58 -5.07 10.51 10.51
C ASN B 58 -4.18 10.66 9.26
N ALA B 59 -4.68 11.12 8.09
CA ALA B 59 -3.89 11.19 6.87
C ALA B 59 -2.72 12.13 7.03
N LYS B 60 -2.86 13.14 7.89
CA LYS B 60 -1.85 13.98 8.22
C LYS B 60 -0.68 13.38 9.00
N THR B 61 -1.04 12.49 9.95
CA THR B 61 -0.14 11.59 10.78
C THR B 61 0.75 10.86 9.77
N THR B 62 0.05 10.10 8.98
CA THR B 62 0.72 9.05 8.11
C THR B 62 1.57 9.81 7.01
N LEU B 63 1.21 11.09 6.55
CA LEU B 63 2.03 11.72 5.56
C LEU B 63 3.33 12.06 6.19
N ALA B 64 3.22 12.64 7.40
CA ALA B 64 4.38 13.13 8.13
C ALA B 64 5.20 11.85 8.43
N GLN B 65 4.69 10.74 8.79
CA GLN B 65 5.57 9.68 9.12
C GLN B 65 6.02 8.87 7.92
N ALA B 66 5.49 9.09 6.77
CA ALA B 66 6.07 8.61 5.53
C ALA B 66 7.28 9.47 5.39
N ALA B 67 7.15 10.76 5.21
CA ALA B 67 8.20 11.68 5.04
C ALA B 67 9.37 11.64 6.00
N ALA B 68 9.11 11.18 7.22
CA ALA B 68 10.12 10.83 8.17
C ALA B 68 10.94 9.53 7.80
N HIS B 69 10.47 8.52 7.39
CA HIS B 69 11.36 7.33 6.96
C HIS B 69 12.01 7.70 5.64
N TYR B 70 11.49 8.72 4.86
CA TYR B 70 12.21 9.04 3.69
C TYR B 70 13.35 9.94 4.11
N ALA B 71 13.35 10.76 5.15
CA ALA B 71 14.42 11.57 5.59
C ALA B 71 15.52 10.75 6.33
N ASN B 72 15.17 9.58 6.73
CA ASN B 72 16.19 8.69 7.23
C ASN B 72 16.87 8.20 5.90
N PHE B 73 16.05 7.63 4.96
CA PHE B 73 16.54 7.05 3.75
C PHE B 73 17.53 8.05 3.17
N LYS B 74 17.16 9.40 3.07
CA LYS B 74 18.14 10.39 2.49
C LYS B 74 19.37 10.74 3.28
N ASN B 75 19.66 10.10 4.44
CA ASN B 75 20.80 10.34 5.24
C ASN B 75 21.68 9.18 5.47
N MET B 76 21.46 8.05 4.57
CA MET B 76 22.27 6.93 4.66
C MET B 76 23.45 7.20 3.63
N THR B 77 24.65 6.55 3.80
CA THR B 77 25.72 6.85 2.83
C THR B 77 25.37 6.32 1.48
N PRO B 78 25.45 7.18 0.47
CA PRO B 78 25.12 6.90 -0.95
C PRO B 78 26.13 5.93 -1.50
N LEU B 79 25.62 4.85 -2.11
CA LEU B 79 26.43 3.97 -2.79
C LEU B 79 26.56 4.74 -4.10
N PRO B 80 27.77 4.95 -4.78
CA PRO B 80 27.83 5.51 -6.13
C PRO B 80 27.09 4.82 -7.28
N ALA B 81 27.20 3.48 -7.50
CA ALA B 81 26.49 2.78 -8.60
C ALA B 81 25.09 3.15 -8.88
N MET B 82 24.50 3.15 -7.73
CA MET B 82 23.09 3.43 -7.45
C MET B 82 22.53 4.75 -7.74
N ALA B 83 23.28 5.82 -7.52
CA ALA B 83 22.85 7.20 -7.72
C ALA B 83 21.93 7.43 -8.87
N GLU B 84 21.83 6.78 -10.00
CA GLU B 84 20.93 7.10 -11.02
C GLU B 84 19.44 6.77 -10.50
N ALA B 85 19.30 5.61 -9.88
CA ALA B 85 17.97 5.22 -9.33
C ALA B 85 17.44 6.18 -8.18
N SER B 86 18.36 6.74 -7.36
CA SER B 86 17.99 7.54 -6.27
C SER B 86 17.47 8.98 -6.66
N ALA B 87 18.03 9.46 -7.77
CA ALA B 87 17.73 10.85 -8.29
C ALA B 87 16.29 10.78 -8.76
N ASN B 88 16.15 9.84 -9.57
CA ASN B 88 14.81 9.38 -10.08
C ASN B 88 13.88 9.25 -8.93
N VAL B 89 14.22 8.37 -7.88
CA VAL B 89 13.30 8.13 -6.79
C VAL B 89 12.89 9.37 -6.12
N ASP B 90 13.85 10.35 -5.77
CA ASP B 90 13.58 11.54 -5.07
C ASP B 90 12.67 12.56 -5.85
N GLU B 91 12.77 12.62 -7.19
CA GLU B 91 11.91 13.38 -8.02
C GLU B 91 10.54 12.91 -7.66
N LYS B 92 10.39 11.69 -8.11
CA LYS B 92 9.18 10.83 -7.97
C LYS B 92 8.58 10.79 -6.56
N TYR B 93 9.46 10.97 -5.51
CA TYR B 93 8.94 11.03 -4.13
C TYR B 93 8.53 12.47 -3.92
N GLN B 94 9.37 13.58 -4.12
CA GLN B 94 8.93 14.88 -3.77
C GLN B 94 7.54 15.28 -4.30
N ARG B 95 7.37 15.05 -5.59
CA ARG B 95 6.10 15.32 -6.29
C ARG B 95 4.93 14.50 -5.70
N TYR B 96 5.09 13.18 -5.42
CA TYR B 96 4.06 12.32 -4.85
C TYR B 96 3.80 12.80 -3.46
N GLN B 97 4.75 13.48 -2.75
CA GLN B 97 4.40 14.12 -1.45
C GLN B 97 3.61 15.39 -1.70
N ALA B 98 3.97 16.38 -2.55
CA ALA B 98 3.19 17.52 -2.85
C ALA B 98 1.77 17.06 -3.24
N ALA B 99 1.64 16.13 -4.06
CA ALA B 99 0.35 15.63 -4.48
C ALA B 99 -0.49 15.33 -3.24
N LEU B 100 0.13 14.62 -2.27
CA LEU B 100 -0.59 14.30 -1.10
C LEU B 100 -0.89 15.47 -0.19
N ALA B 101 0.01 16.50 0.01
CA ALA B 101 -0.41 17.60 0.89
C ALA B 101 -1.46 18.39 0.24
N GLU B 102 -1.45 18.35 -1.09
CA GLU B 102 -2.44 19.15 -1.90
C GLU B 102 -3.85 18.59 -1.68
N LEU B 103 -4.03 17.19 -1.72
CA LEU B 103 -5.25 16.56 -1.43
C LEU B 103 -5.65 16.71 -0.01
N ILE B 104 -4.69 16.87 0.92
CA ILE B 104 -5.00 17.11 2.32
C ILE B 104 -5.57 18.51 2.40
N GLN B 105 -5.03 19.42 1.64
CA GLN B 105 -5.51 20.80 1.60
C GLN B 105 -6.88 20.98 0.91
N PHE B 106 -7.05 20.48 -0.27
CA PHE B 106 -8.37 20.52 -0.95
C PHE B 106 -9.37 19.96 -0.04
N LEU B 107 -9.21 18.82 0.69
CA LEU B 107 -10.10 18.45 1.73
C LEU B 107 -10.19 19.38 2.99
N ASP B 108 -9.08 19.79 3.53
CA ASP B 108 -8.98 20.81 4.65
C ASP B 108 -9.83 22.07 4.56
N ASN B 109 -10.08 22.47 3.31
CA ASN B 109 -10.85 23.61 3.02
C ASN B 109 -12.03 23.39 2.12
N GLY B 110 -12.60 21.99 2.09
CA GLY B 110 -13.78 21.62 1.40
C GLY B 110 -13.83 21.87 -0.13
N ASN B 111 -12.82 21.43 -0.90
CA ASN B 111 -12.79 21.63 -2.29
C ASN B 111 -12.84 20.29 -2.95
N MET B 112 -14.00 19.76 -2.72
CA MET B 112 -14.35 18.36 -3.18
C MET B 112 -14.18 18.05 -4.66
N ASP B 113 -14.58 19.03 -5.46
CA ASP B 113 -14.43 18.85 -6.90
C ASP B 113 -12.93 18.93 -7.30
N ALA B 114 -12.02 19.74 -6.58
CA ALA B 114 -10.70 19.62 -6.95
C ALA B 114 -9.97 18.47 -6.45
N TYR B 115 -10.19 17.86 -5.24
CA TYR B 115 -9.69 16.53 -4.80
C TYR B 115 -9.96 15.54 -5.69
N PHE B 116 -11.23 15.39 -6.08
CA PHE B 116 -11.59 14.30 -6.95
C PHE B 116 -10.98 14.33 -8.35
N ALA B 117 -10.52 15.58 -8.72
CA ALA B 117 -9.96 15.85 -10.02
C ALA B 117 -8.53 15.55 -10.25
N GLN B 118 -7.69 15.49 -9.19
CA GLN B 118 -6.25 15.41 -9.23
C GLN B 118 -5.84 14.02 -9.74
N PRO B 119 -4.82 13.71 -10.67
CA PRO B 119 -4.50 12.33 -11.08
C PRO B 119 -3.61 11.65 -10.05
N THR B 120 -3.96 11.45 -8.83
CA THR B 120 -3.01 11.00 -7.82
C THR B 120 -2.51 9.55 -8.13
N GLN B 121 -3.35 8.68 -8.70
CA GLN B 121 -2.94 7.39 -9.12
C GLN B 121 -1.77 7.42 -10.09
N GLY B 122 -1.66 8.48 -10.85
CA GLY B 122 -0.54 8.65 -11.81
C GLY B 122 0.76 8.99 -11.19
N MET B 123 0.80 9.93 -10.27
CA MET B 123 2.01 10.29 -9.52
C MET B 123 2.38 9.06 -8.67
N GLN B 124 1.44 8.30 -8.10
CA GLN B 124 1.62 7.14 -7.33
C GLN B 124 2.31 6.08 -8.14
N ASN B 125 1.80 5.82 -9.34
CA ASN B 125 2.31 4.82 -10.23
C ASN B 125 3.74 5.05 -10.68
N ALA B 126 4.01 6.44 -10.76
CA ALA B 126 5.28 6.93 -11.06
C ALA B 126 6.27 6.45 -9.96
N LEU B 127 5.93 6.60 -8.69
CA LEU B 127 6.77 6.18 -7.62
C LEU B 127 7.03 4.74 -7.55
N GLY B 128 6.00 4.01 -7.84
CA GLY B 128 6.05 2.41 -7.79
C GLY B 128 7.10 1.98 -8.78
N GLU B 129 6.98 2.46 -10.00
CA GLU B 129 7.89 1.97 -11.07
C GLU B 129 9.29 2.45 -10.71
N ALA B 130 9.44 3.62 -9.97
CA ALA B 130 10.76 4.11 -9.50
C ALA B 130 11.25 3.18 -8.41
N LEU B 131 10.50 2.77 -7.38
CA LEU B 131 11.06 2.05 -6.26
C LEU B 131 11.41 0.69 -6.87
N GLY B 132 10.51 0.14 -7.69
CA GLY B 132 10.82 -1.09 -8.30
C GLY B 132 12.14 -1.01 -9.14
N ASN B 133 12.42 -0.01 -9.87
CA ASN B 133 13.63 0.09 -10.65
C ASN B 133 14.87 0.27 -9.65
N TYR B 134 14.83 0.96 -8.50
CA TYR B 134 15.98 0.95 -7.58
C TYR B 134 16.18 -0.54 -7.05
N ALA B 135 15.12 -1.12 -6.63
CA ALA B 135 15.23 -2.44 -6.19
C ALA B 135 15.80 -3.43 -7.25
N ARG B 136 15.40 -3.36 -8.52
CA ARG B 136 15.91 -4.20 -9.62
C ARG B 136 17.36 -3.88 -9.93
N VAL B 137 17.72 -2.65 -9.92
CA VAL B 137 19.15 -2.21 -10.17
C VAL B 137 20.12 -2.68 -9.12
N SER B 138 19.58 -2.71 -7.88
CA SER B 138 20.32 -3.12 -6.69
C SER B 138 20.74 -4.66 -7.00
N GLU B 139 19.75 -5.42 -7.19
CA GLU B 139 19.98 -6.89 -7.58
C GLU B 139 21.00 -6.94 -8.63
N ASN B 140 20.74 -6.32 -9.73
CA ASN B 140 21.60 -6.40 -10.91
C ASN B 140 23.07 -5.92 -10.71
N LEU B 141 23.23 -5.17 -9.65
CA LEU B 141 24.58 -4.66 -9.39
C LEU B 141 25.29 -5.41 -8.29
N TYR B 142 24.70 -5.41 -7.14
CA TYR B 142 25.28 -6.14 -5.97
C TYR B 142 24.75 -7.49 -5.55
N ARG B 143 23.84 -8.05 -6.37
CA ARG B 143 23.28 -9.40 -5.99
C ARG B 143 24.46 -10.29 -5.76
N GLN B 144 24.66 -10.55 -4.51
CA GLN B 144 25.65 -11.53 -4.14
C GLN B 144 25.07 -12.92 -4.22
N THR B 145 25.22 -13.26 -5.45
CA THR B 145 25.22 -14.79 -5.80
C THR B 145 26.77 -14.80 -5.81
N PHE B 146 27.07 -15.87 -4.99
CA PHE B 146 27.16 -17.20 -5.26
C PHE B 146 27.61 -17.12 -6.69
N ASP C . -7.32 12.68 -6.75
CA ASP C . -8.00 11.59 -6.15
C ASP C . -7.04 10.35 -6.44
O ASP C . -6.49 9.90 -5.43
CB ASP C . -9.37 11.39 -6.83
CG ASP C . -10.38 10.63 -6.11
OD1 ASP C . -10.49 10.84 -4.88
OD2 ASP C . -11.13 9.85 -6.69
OXT ASP C . -6.66 10.17 -7.60
#